data_6JH0
#
_entry.id   6JH0
#
_cell.length_a   77.298
_cell.length_b   77.298
_cell.length_c   217.582
_cell.angle_alpha   90.00
_cell.angle_beta   90.00
_cell.angle_gamma   90.00
#
_symmetry.space_group_name_H-M   'P 43 21 2'
#
loop_
_entity.id
_entity.type
_entity.pdbx_description
1 polymer 'Non-structural protein 1'
2 polymer 'ISG15 ubiquitin-like modifier'
3 water water
#
loop_
_entity_poly.entity_id
_entity_poly.type
_entity_poly.pdbx_seq_one_letter_code
_entity_poly.pdbx_strand_id
1 'polypeptide(L)'
;MADNMTTTQIEVGPGATNATINFEAGILECYERFSWQRALDYPGQDRLHRLKRKLESRIKTHNKSEPENKRMSLEERKAI
GVKMMKVLLFMDPSAGIEGFEPY
;
C,A
2 'polypeptide(L)'
;MLEPTAMAGNLTVKMLGGEEFLVPLRDSMLASELKQQIALKTGVPAFQQRLATHPAGTVLQDGISLIRQGLCPGSTVLLV
VKNSNDPLSILVRNNKGRSIAYEVWLTQTVAELKQQVCQQEHVQADLFWLTFEGKPMEDKHQLGEYGLTPQCTVFMNLRL
RGG
;
D,B
#
# COMPACT_ATOMS: atom_id res chain seq x y z
N GLN A 9 11.93 5.44 -18.93
CA GLN A 9 11.21 6.68 -18.60
C GLN A 9 9.87 6.86 -19.35
N ILE A 10 8.78 6.96 -18.57
CA ILE A 10 7.41 6.91 -19.09
C ILE A 10 6.86 8.32 -19.27
N GLU A 11 6.25 8.57 -20.43
CA GLU A 11 5.59 9.85 -20.73
C GLU A 11 4.33 10.02 -19.89
N VAL A 12 4.19 11.17 -19.22
CA VAL A 12 3.06 11.45 -18.34
C VAL A 12 2.49 12.83 -18.66
N GLY A 13 1.23 13.04 -18.27
CA GLY A 13 0.54 14.28 -18.49
C GLY A 13 0.69 15.27 -17.35
N PRO A 14 -0.03 16.39 -17.42
CA PRO A 14 0.15 17.44 -16.40
C PRO A 14 -0.42 17.07 -15.04
N GLY A 15 -1.40 16.15 -14.98
CA GLY A 15 -1.94 15.78 -13.68
C GLY A 15 -1.00 14.95 -12.82
N ALA A 16 0.10 14.44 -13.37
CA ALA A 16 0.98 13.54 -12.60
C ALA A 16 1.60 14.23 -11.38
N THR A 17 1.93 15.52 -11.47
CA THR A 17 2.49 16.20 -10.31
C THR A 17 1.56 16.09 -9.12
N ASN A 18 0.27 16.28 -9.35
CA ASN A 18 -0.70 16.11 -8.28
C ASN A 18 -0.85 14.64 -7.88
N ALA A 19 -1.00 13.75 -8.86
CA ALA A 19 -1.20 12.35 -8.53
C ALA A 19 -0.03 11.81 -7.73
N THR A 20 1.20 12.18 -8.09
CA THR A 20 2.37 11.65 -7.40
C THR A 20 2.42 12.11 -5.96
N ILE A 21 2.12 13.38 -5.71
CA ILE A 21 2.01 13.88 -4.36
C ILE A 21 1.02 13.05 -3.56
N ASN A 22 -0.17 12.82 -4.12
CA ASN A 22 -1.16 12.04 -3.39
C ASN A 22 -0.67 10.62 -3.16
N PHE A 23 -0.13 9.99 -4.19
CA PHE A 23 0.39 8.63 -4.02
C PHE A 23 1.41 8.58 -2.89
N GLU A 24 2.31 9.57 -2.85
CA GLU A 24 3.36 9.52 -1.86
C GLU A 24 2.87 9.91 -0.48
N ALA A 25 1.76 10.62 -0.38
CA ALA A 25 1.13 10.72 0.94
C ALA A 25 0.62 9.36 1.37
N GLY A 26 0.14 8.55 0.43
CA GLY A 26 -0.25 7.19 0.77
C GLY A 26 0.94 6.38 1.22
N ILE A 27 2.08 6.50 0.51
CA ILE A 27 3.32 5.83 0.90
C ILE A 27 3.73 6.26 2.32
N LEU A 28 3.63 7.55 2.62
CA LEU A 28 4.02 8.02 3.93
C LEU A 28 3.13 7.44 5.01
N GLU A 29 1.82 7.41 4.77
CA GLU A 29 0.92 6.78 5.72
C GLU A 29 1.27 5.29 5.94
N CYS A 30 1.75 4.59 4.90
CA CYS A 30 2.13 3.20 5.07
C CYS A 30 3.34 3.06 5.98
N TYR A 31 4.38 3.84 5.71
CA TYR A 31 5.54 3.93 6.59
C TYR A 31 5.14 4.21 8.02
N GLU A 32 4.23 5.16 8.22
CA GLU A 32 3.86 5.52 9.58
C GLU A 32 3.19 4.35 10.28
N ARG A 33 2.25 3.68 9.61
CA ARG A 33 1.56 2.54 10.22
C ARG A 33 2.55 1.40 10.48
N PHE A 34 3.49 1.20 9.57
CA PHE A 34 4.52 0.18 9.74
C PHE A 34 5.41 0.49 10.94
N SER A 35 5.73 1.77 11.16
CA SER A 35 6.59 2.11 12.28
C SER A 35 5.92 1.80 13.61
N TRP A 36 4.61 1.94 13.70
CA TRP A 36 3.92 1.59 14.95
C TRP A 36 4.07 0.12 15.30
N GLN A 37 4.26 -0.75 14.30
CA GLN A 37 4.40 -2.17 14.57
C GLN A 37 5.77 -2.53 15.13
N ARG A 38 6.65 -1.54 15.34
CA ARG A 38 8.03 -1.76 15.82
C ARG A 38 8.85 -2.56 14.81
N ALA A 39 8.52 -2.45 13.54
CA ALA A 39 9.22 -3.23 12.53
C ALA A 39 10.00 -2.36 11.55
N LEU A 40 9.94 -1.04 11.68
CA LEU A 40 10.67 -0.13 10.81
C LEU A 40 11.96 0.25 11.50
N ASP A 41 13.10 -0.14 10.91
CA ASP A 41 14.40 0.05 11.56
C ASP A 41 14.76 1.53 11.60
N TYR A 42 15.92 1.82 12.17
CA TYR A 42 16.31 3.20 12.42
C TYR A 42 16.58 3.99 11.14
N PRO A 43 17.31 3.47 10.14
CA PRO A 43 17.42 4.21 8.88
C PRO A 43 16.08 4.34 8.16
N GLY A 44 15.21 3.34 8.27
CA GLY A 44 13.86 3.45 7.70
C GLY A 44 13.03 4.52 8.39
N GLN A 45 13.13 4.62 9.72
CA GLN A 45 12.43 5.70 10.41
C GLN A 45 12.97 7.05 9.96
N ASP A 46 14.26 7.09 9.64
CA ASP A 46 14.88 8.30 9.09
C ASP A 46 14.34 8.63 7.71
N ARG A 47 14.16 7.63 6.83
CA ARG A 47 13.56 7.93 5.53
C ARG A 47 12.11 8.37 5.68
N LEU A 48 11.41 7.88 6.70
CA LEU A 48 10.04 8.31 6.97
C LEU A 48 10.01 9.80 7.26
N HIS A 49 10.90 10.26 8.14
CA HIS A 49 10.87 11.68 8.47
C HIS A 49 11.36 12.54 7.33
N ARG A 50 12.31 12.06 6.53
CA ARG A 50 12.73 12.81 5.34
C ARG A 50 11.60 12.89 4.33
N LEU A 51 10.93 11.76 4.07
CA LEU A 51 9.80 11.79 3.15
C LEU A 51 8.74 12.77 3.61
N LYS A 52 8.36 12.73 4.89
CA LYS A 52 7.33 13.63 5.38
C LYS A 52 7.68 15.08 5.07
N ARG A 53 8.91 15.47 5.36
CA ARG A 53 9.25 16.88 5.27
C ARG A 53 9.38 17.34 3.82
N LYS A 54 9.94 16.51 2.92
CA LYS A 54 9.94 16.88 1.51
C LYS A 54 8.52 16.88 0.97
N LEU A 55 7.67 15.98 1.45
CA LEU A 55 6.28 15.98 1.02
C LEU A 55 5.57 17.26 1.44
N GLU A 56 5.81 17.70 2.67
CA GLU A 56 5.10 18.88 3.15
C GLU A 56 5.51 20.12 2.40
N SER A 57 6.77 20.20 1.94
CA SER A 57 7.19 21.35 1.16
C SER A 57 6.65 21.30 -0.26
N ARG A 58 6.52 20.10 -0.84
CA ARG A 58 5.89 20.01 -2.16
C ARG A 58 4.39 20.30 -2.10
N ILE A 59 3.73 19.99 -0.98
CA ILE A 59 2.31 20.30 -0.89
C ILE A 59 2.09 21.79 -0.68
N LYS A 60 3.00 22.47 0.02
CA LYS A 60 2.89 23.93 0.12
C LYS A 60 3.06 24.58 -1.24
N THR A 61 4.12 24.19 -1.96
CA THR A 61 4.38 24.66 -3.31
C THR A 61 3.20 24.37 -4.23
N HIS A 62 2.78 23.10 -4.30
CA HIS A 62 1.76 22.73 -5.27
C HIS A 62 0.42 23.40 -4.96
N ASN A 63 0.11 23.58 -3.68
CA ASN A 63 -1.16 24.22 -3.32
C ASN A 63 -1.19 25.68 -3.77
N LYS A 64 -0.02 26.35 -3.77
CA LYS A 64 0.06 27.73 -4.26
C LYS A 64 -0.22 27.81 -5.76
N SER A 65 0.20 26.81 -6.53
CA SER A 65 0.01 26.79 -7.97
C SER A 65 -1.41 26.41 -8.39
N GLU A 66 -2.25 25.98 -7.46
CA GLU A 66 -3.58 25.47 -7.75
C GLU A 66 -4.66 26.48 -7.35
N PRO A 67 -5.87 26.35 -7.90
CA PRO A 67 -7.00 27.17 -7.45
C PRO A 67 -7.27 26.93 -5.98
N GLU A 68 -7.84 27.93 -5.31
CA GLU A 68 -8.05 27.82 -3.87
C GLU A 68 -8.92 26.61 -3.51
N ASN A 69 -9.93 26.30 -4.32
CA ASN A 69 -10.85 25.20 -4.01
C ASN A 69 -10.27 23.82 -4.35
N LYS A 70 -9.06 23.73 -4.89
CA LYS A 70 -8.39 22.47 -5.13
C LYS A 70 -7.22 22.25 -4.20
N ARG A 71 -7.09 23.03 -3.14
CA ARG A 71 -6.00 22.87 -2.20
C ARG A 71 -6.39 21.86 -1.13
N MET A 72 -5.41 21.06 -0.70
CA MET A 72 -5.67 19.96 0.23
C MET A 72 -4.48 19.83 1.15
N SER A 73 -4.76 19.68 2.44
CA SER A 73 -3.72 19.43 3.43
C SER A 73 -3.13 18.05 3.23
N LEU A 74 -1.99 17.81 3.91
CA LEU A 74 -1.39 16.48 3.91
C LEU A 74 -2.39 15.40 4.29
N GLU A 75 -3.20 15.65 5.33
CA GLU A 75 -4.08 14.61 5.82
C GLU A 75 -5.10 14.19 4.75
N GLU A 76 -5.72 15.17 4.08
CA GLU A 76 -6.68 14.83 3.04
C GLU A 76 -6.02 14.05 1.92
N ARG A 77 -4.79 14.42 1.56
CA ARG A 77 -4.09 13.73 0.48
C ARG A 77 -3.71 12.31 0.88
N LYS A 78 -3.50 12.08 2.18
CA LYS A 78 -3.17 10.76 2.67
C LYS A 78 -4.29 9.79 2.39
N ALA A 79 -5.54 10.22 2.60
CA ALA A 79 -6.68 9.36 2.31
C ALA A 79 -6.76 9.04 0.83
N ILE A 80 -6.49 10.02 -0.03
CA ILE A 80 -6.49 9.77 -1.47
C ILE A 80 -5.40 8.79 -1.81
N GLY A 81 -4.20 9.00 -1.26
CA GLY A 81 -3.10 8.09 -1.47
C GLY A 81 -3.41 6.67 -1.06
N VAL A 82 -4.10 6.51 0.09
CA VAL A 82 -4.45 5.18 0.58
C VAL A 82 -5.42 4.48 -0.36
N LYS A 83 -6.41 5.22 -0.87
CA LYS A 83 -7.32 4.67 -1.86
C LYS A 83 -6.58 4.21 -3.11
N MET A 84 -5.64 5.02 -3.60
CA MET A 84 -4.87 4.60 -4.76
C MET A 84 -4.04 3.35 -4.43
N MET A 85 -3.44 3.30 -3.25
CA MET A 85 -2.64 2.14 -2.90
C MET A 85 -3.47 0.87 -2.89
N LYS A 86 -4.68 0.95 -2.33
CA LYS A 86 -5.55 -0.21 -2.29
C LYS A 86 -5.88 -0.70 -3.67
N VAL A 87 -6.14 0.21 -4.60
CA VAL A 87 -6.40 -0.17 -5.97
C VAL A 87 -5.16 -0.82 -6.60
N LEU A 88 -3.96 -0.32 -6.29
CA LEU A 88 -2.78 -0.91 -6.93
C LEU A 88 -2.46 -2.28 -6.35
N LEU A 89 -2.59 -2.44 -5.03
CA LEU A 89 -2.17 -3.69 -4.40
C LEU A 89 -3.08 -4.84 -4.81
N PHE A 90 -4.37 -4.59 -4.98
CA PHE A 90 -5.29 -5.61 -5.46
C PHE A 90 -5.56 -5.52 -6.95
N MET A 91 -5.03 -4.48 -7.61
CA MET A 91 -5.29 -4.22 -9.04
C MET A 91 -6.77 -4.25 -9.34
N ASP A 92 -7.58 -3.64 -8.46
CA ASP A 92 -9.03 -3.69 -8.52
C ASP A 92 -9.66 -2.34 -8.21
N PRO A 93 -10.26 -1.66 -9.21
CA PRO A 93 -10.86 -0.33 -8.97
C PRO A 93 -11.81 -0.27 -7.80
N SER A 94 -12.43 -1.41 -7.47
CA SER A 94 -13.40 -1.48 -6.39
C SER A 94 -12.80 -1.19 -5.02
N ALA A 95 -11.50 -1.50 -4.83
CA ALA A 95 -10.88 -1.27 -3.52
C ALA A 95 -10.79 0.20 -3.15
N GLY A 96 -10.86 1.13 -4.11
CA GLY A 96 -10.83 2.55 -3.80
C GLY A 96 -11.26 3.48 -4.94
N ILE A 97 -12.57 3.64 -5.12
CA ILE A 97 -13.10 4.34 -6.29
C ILE A 97 -12.68 5.81 -6.33
N GLU A 98 -12.53 6.45 -5.17
CA GLU A 98 -12.21 7.87 -5.14
C GLU A 98 -10.79 8.18 -5.56
N GLY A 99 -9.91 7.17 -5.60
CA GLY A 99 -8.55 7.35 -6.09
C GLY A 99 -8.45 7.82 -7.53
N PHE A 100 -9.55 7.67 -8.30
CA PHE A 100 -9.62 8.04 -9.70
C PHE A 100 -10.06 9.49 -9.93
N GLU A 101 -10.06 10.33 -8.90
CA GLU A 101 -10.37 11.73 -9.09
C GLU A 101 -9.18 12.58 -8.67
N PRO A 102 -9.02 13.76 -9.27
CA PRO A 102 -7.93 14.63 -8.77
C PRO A 102 -8.38 15.43 -7.53
N GLN B 9 11.25 8.73 17.53
CA GLN B 9 12.10 7.56 17.27
C GLN B 9 11.61 6.34 18.08
N ILE B 10 11.18 5.27 17.40
CA ILE B 10 10.58 4.10 18.04
C ILE B 10 11.64 3.01 18.17
N GLU B 11 11.79 2.47 19.38
CA GLU B 11 12.76 1.41 19.61
C GLU B 11 12.29 0.10 19.03
N VAL B 12 13.20 -0.64 18.40
CA VAL B 12 12.83 -1.85 17.66
C VAL B 12 13.77 -2.98 18.04
N GLY B 13 13.34 -4.20 17.72
CA GLY B 13 14.10 -5.39 17.96
C GLY B 13 14.94 -5.77 16.75
N PRO B 14 15.61 -6.92 16.81
CA PRO B 14 16.57 -7.25 15.75
C PRO B 14 15.91 -7.60 14.42
N GLY B 15 14.66 -8.07 14.43
CA GLY B 15 14.03 -8.48 13.20
C GLY B 15 13.68 -7.36 12.26
N ALA B 16 13.72 -6.11 12.74
CA ALA B 16 13.27 -4.97 11.95
C ALA B 16 14.11 -4.78 10.71
N THR B 17 15.41 -5.07 10.79
CA THR B 17 16.25 -4.91 9.60
C THR B 17 15.73 -5.76 8.45
N ASN B 18 15.32 -7.00 8.70
CA ASN B 18 14.77 -7.80 7.62
C ASN B 18 13.40 -7.28 7.20
N ALA B 19 12.52 -7.06 8.18
CA ALA B 19 11.15 -6.68 7.89
C ALA B 19 11.12 -5.43 7.05
N THR B 20 12.03 -4.48 7.35
CA THR B 20 12.05 -3.21 6.64
C THR B 20 12.44 -3.41 5.17
N ILE B 21 13.39 -4.29 4.92
CA ILE B 21 13.73 -4.65 3.54
C ILE B 21 12.50 -5.19 2.80
N ASN B 22 11.80 -6.14 3.40
CA ASN B 22 10.61 -6.70 2.72
C ASN B 22 9.54 -5.64 2.54
N PHE B 23 9.29 -4.85 3.58
CA PHE B 23 8.35 -3.75 3.47
C PHE B 23 8.72 -2.81 2.33
N GLU B 24 9.99 -2.47 2.19
CA GLU B 24 10.35 -1.52 1.14
C GLU B 24 10.39 -2.18 -0.23
N ALA B 25 10.51 -3.50 -0.29
CA ALA B 25 10.23 -4.19 -1.54
C ALA B 25 8.76 -4.08 -1.90
N GLY B 26 7.88 -4.12 -0.91
CA GLY B 26 6.47 -3.87 -1.18
C GLY B 26 6.22 -2.46 -1.68
N ILE B 27 6.88 -1.49 -1.03
CA ILE B 27 6.82 -0.09 -1.44
C ILE B 27 7.28 0.04 -2.89
N LEU B 28 8.38 -0.65 -3.24
CA LEU B 28 8.91 -0.59 -4.59
C LEU B 28 7.93 -1.14 -5.61
N GLU B 29 7.28 -2.26 -5.27
CA GLU B 29 6.25 -2.81 -6.16
C GLU B 29 5.11 -1.83 -6.37
N CYS B 30 4.76 -1.08 -5.34
CA CYS B 30 3.67 -0.10 -5.47
C CYS B 30 4.05 1.01 -6.42
N TYR B 31 5.26 1.57 -6.25
CA TYR B 31 5.76 2.58 -7.17
C TYR B 31 5.73 2.09 -8.60
N GLU B 32 6.16 0.83 -8.82
CA GLU B 32 6.17 0.30 -10.18
C GLU B 32 4.76 0.21 -10.77
N ARG B 33 3.79 -0.30 -10.00
CA ARG B 33 2.43 -0.43 -10.52
C ARG B 33 1.84 0.93 -10.78
N PHE B 34 2.16 1.90 -9.92
CA PHE B 34 1.67 3.25 -10.10
C PHE B 34 2.22 3.87 -11.38
N SER B 35 3.48 3.59 -11.69
CA SER B 35 4.08 4.17 -12.86
C SER B 35 3.43 3.65 -14.14
N TRP B 36 2.93 2.42 -14.12
CA TRP B 36 2.21 1.92 -15.31
C TRP B 36 0.95 2.74 -15.57
N GLN B 37 0.38 3.35 -14.53
CA GLN B 37 -0.83 4.14 -14.72
C GLN B 37 -0.56 5.46 -15.44
N ARG B 38 0.69 5.75 -15.82
CA ARG B 38 1.09 7.02 -16.47
C ARG B 38 0.87 8.21 -15.53
N ALA B 39 0.97 7.98 -14.21
CA ALA B 39 0.67 9.02 -13.23
C ALA B 39 1.84 9.36 -12.31
N LEU B 40 2.98 8.70 -12.47
CA LEU B 40 4.15 9.00 -11.65
C LEU B 40 5.01 10.01 -12.39
N ASP B 41 5.19 11.20 -11.80
CA ASP B 41 5.91 12.26 -12.49
C ASP B 41 7.40 11.89 -12.60
N TYR B 42 8.18 12.75 -13.29
CA TYR B 42 9.56 12.41 -13.64
C TYR B 42 10.50 12.36 -12.43
N PRO B 43 10.44 13.29 -11.48
CA PRO B 43 11.25 13.09 -10.26
C PRO B 43 10.78 11.89 -9.46
N GLY B 44 9.48 11.60 -9.49
CA GLY B 44 8.99 10.39 -8.87
C GLY B 44 9.51 9.14 -9.57
N GLN B 45 9.52 9.16 -10.90
CA GLN B 45 10.09 8.01 -11.61
C GLN B 45 11.57 7.85 -11.29
N ASP B 46 12.25 8.96 -11.02
CA ASP B 46 13.64 8.90 -10.62
C ASP B 46 13.79 8.28 -9.23
N ARG B 47 12.88 8.62 -8.30
CA ARG B 47 12.94 8.03 -6.98
C ARG B 47 12.66 6.54 -7.02
N LEU B 48 11.87 6.07 -7.99
CA LEU B 48 11.64 4.64 -8.14
C LEU B 48 12.94 3.92 -8.46
N HIS B 49 13.72 4.45 -9.43
CA HIS B 49 14.95 3.78 -9.80
C HIS B 49 15.99 3.84 -8.70
N ARG B 50 16.04 4.95 -7.96
CA ARG B 50 16.93 5.05 -6.82
C ARG B 50 16.54 4.08 -5.72
N LEU B 51 15.24 3.97 -5.42
CA LEU B 51 14.79 3.00 -4.45
C LEU B 51 15.17 1.58 -4.88
N LYS B 52 14.93 1.25 -6.15
CA LYS B 52 15.25 -0.10 -6.62
C LYS B 52 16.72 -0.44 -6.39
N ARG B 53 17.63 0.46 -6.75
CA ARG B 53 19.05 0.09 -6.69
C ARG B 53 19.60 0.11 -5.28
N LYS B 54 19.17 1.06 -4.44
CA LYS B 54 19.58 1.03 -3.03
C LYS B 54 19.02 -0.21 -2.34
N LEU B 55 17.79 -0.62 -2.70
CA LEU B 55 17.22 -1.82 -2.11
C LEU B 55 17.97 -3.07 -2.56
N GLU B 56 18.27 -3.16 -3.86
CA GLU B 56 18.93 -4.36 -4.37
C GLU B 56 20.35 -4.52 -3.80
N SER B 57 21.01 -3.42 -3.46
CA SER B 57 22.30 -3.51 -2.81
C SER B 57 22.16 -3.87 -1.34
N ARG B 58 21.06 -3.45 -0.68
CA ARG B 58 20.79 -3.93 0.67
C ARG B 58 20.37 -5.39 0.68
N ILE B 59 19.74 -5.86 -0.39
CA ILE B 59 19.36 -7.27 -0.42
C ILE B 59 20.57 -8.15 -0.66
N LYS B 60 21.56 -7.66 -1.40
CA LYS B 60 22.81 -8.40 -1.57
C LYS B 60 23.59 -8.48 -0.26
N THR B 61 23.78 -7.35 0.41
CA THR B 61 24.45 -7.30 1.70
C THR B 61 23.74 -8.19 2.71
N HIS B 62 22.43 -7.98 2.88
CA HIS B 62 21.69 -8.70 3.90
C HIS B 62 21.67 -10.21 3.63
N ASN B 63 21.56 -10.62 2.37
CA ASN B 63 21.55 -12.04 2.06
C ASN B 63 22.88 -12.69 2.41
N LYS B 64 24.00 -11.98 2.26
CA LYS B 64 25.29 -12.57 2.66
C LYS B 64 25.38 -12.78 4.17
N SER B 65 24.86 -11.85 4.95
CA SER B 65 24.99 -11.94 6.40
C SER B 65 24.02 -12.93 7.03
N GLU B 66 23.09 -13.49 6.27
CA GLU B 66 22.05 -14.33 6.84
C GLU B 66 22.33 -15.80 6.54
N PRO B 67 21.72 -16.72 7.30
CA PRO B 67 21.85 -18.14 6.97
C PRO B 67 21.34 -18.38 5.54
N GLU B 68 21.92 -19.38 4.87
CA GLU B 68 21.55 -19.59 3.48
C GLU B 68 20.06 -19.87 3.34
N ASN B 69 19.48 -20.57 4.31
CA ASN B 69 18.08 -20.94 4.17
C ASN B 69 17.13 -19.77 4.42
N LYS B 70 17.63 -18.59 4.75
CA LYS B 70 16.78 -17.40 4.87
C LYS B 70 17.02 -16.39 3.75
N ARG B 71 17.70 -16.80 2.69
CA ARG B 71 17.93 -15.86 1.61
C ARG B 71 16.74 -15.83 0.67
N MET B 72 16.44 -14.62 0.19
CA MET B 72 15.27 -14.37 -0.63
C MET B 72 15.62 -13.32 -1.67
N SER B 73 15.19 -13.57 -2.90
CA SER B 73 15.34 -12.61 -3.97
C SER B 73 14.43 -11.40 -3.76
N LEU B 74 14.71 -10.36 -4.55
CA LEU B 74 13.84 -9.19 -4.58
C LEU B 74 12.40 -9.59 -4.85
N GLU B 75 12.20 -10.52 -5.78
CA GLU B 75 10.83 -10.89 -6.16
C GLU B 75 10.10 -11.54 -4.99
N GLU B 76 10.77 -12.49 -4.30
CA GLU B 76 10.13 -13.14 -3.15
C GLU B 76 9.83 -12.14 -2.06
N ARG B 77 10.71 -11.18 -1.86
CA ARG B 77 10.49 -10.18 -0.84
C ARG B 77 9.36 -9.23 -1.23
N LYS B 78 9.17 -9.03 -2.53
CA LYS B 78 8.08 -8.17 -2.99
C LYS B 78 6.72 -8.73 -2.60
N ALA B 79 6.54 -10.05 -2.74
CA ALA B 79 5.27 -10.65 -2.35
C ALA B 79 5.02 -10.49 -0.85
N ILE B 80 6.07 -10.64 -0.04
CA ILE B 80 5.95 -10.42 1.40
C ILE B 80 5.62 -8.96 1.68
N GLY B 81 6.34 -8.04 1.04
CA GLY B 81 6.06 -6.63 1.20
C GLY B 81 4.62 -6.27 0.86
N VAL B 82 4.10 -6.82 -0.22
CA VAL B 82 2.72 -6.54 -0.66
C VAL B 82 1.72 -7.03 0.39
N LYS B 83 1.97 -8.22 0.94
CA LYS B 83 1.10 -8.75 1.99
C LYS B 83 1.08 -7.83 3.22
N MET B 84 2.24 -7.32 3.64
CA MET B 84 2.26 -6.44 4.80
C MET B 84 1.50 -5.16 4.52
N MET B 85 1.67 -4.57 3.34
CA MET B 85 0.96 -3.33 3.03
C MET B 85 -0.53 -3.54 3.05
N LYS B 86 -1.00 -4.67 2.51
CA LYS B 86 -2.43 -4.95 2.54
C LYS B 86 -2.92 -4.96 3.95
N VAL B 87 -2.16 -5.60 4.85
CA VAL B 87 -2.53 -5.64 6.25
C VAL B 87 -2.53 -4.23 6.83
N LEU B 88 -1.57 -3.40 6.43
CA LEU B 88 -1.51 -2.04 6.97
C LEU B 88 -2.61 -1.16 6.37
N LEU B 89 -2.87 -1.28 5.08
CA LEU B 89 -3.84 -0.37 4.47
C LEU B 89 -5.25 -0.58 4.99
N PHE B 90 -5.62 -1.82 5.32
CA PHE B 90 -6.93 -2.12 5.92
C PHE B 90 -6.86 -2.30 7.43
N MET B 91 -5.65 -2.29 8.01
CA MET B 91 -5.41 -2.58 9.44
C MET B 91 -6.10 -3.88 9.87
N ASP B 92 -6.01 -4.90 9.01
CA ASP B 92 -6.69 -6.17 9.24
C ASP B 92 -5.80 -7.34 8.82
N PRO B 93 -5.31 -8.13 9.78
CA PRO B 93 -4.43 -9.27 9.45
C PRO B 93 -4.95 -10.19 8.38
N SER B 94 -6.27 -10.27 8.22
CA SER B 94 -6.86 -11.16 7.22
C SER B 94 -6.48 -10.75 5.80
N ALA B 95 -6.15 -9.48 5.57
CA ALA B 95 -5.75 -9.07 4.23
C ALA B 95 -4.46 -9.75 3.78
N GLY B 96 -3.65 -10.27 4.71
CA GLY B 96 -2.45 -11.01 4.36
C GLY B 96 -1.75 -11.72 5.52
N ILE B 97 -2.21 -12.92 5.92
CA ILE B 97 -1.72 -13.53 7.17
C ILE B 97 -0.21 -13.80 7.16
N GLU B 98 0.37 -14.03 5.99
CA GLU B 98 1.79 -14.43 5.90
C GLU B 98 2.78 -13.31 6.22
N GLY B 99 2.33 -12.04 6.26
CA GLY B 99 3.18 -10.91 6.63
C GLY B 99 3.75 -10.98 8.04
N PHE B 100 3.18 -11.83 8.89
CA PHE B 100 3.60 -12.00 10.28
C PHE B 100 4.72 -13.01 10.45
N GLU B 101 5.37 -13.41 9.36
CA GLU B 101 6.51 -14.33 9.34
C GLU B 101 7.71 -13.66 8.69
N PRO B 102 8.95 -14.10 9.02
CA PRO B 102 10.13 -13.51 8.37
C PRO B 102 10.41 -14.09 6.97
N GLY C 9 1.82 -23.24 30.50
CA GLY C 9 1.14 -22.78 29.30
C GLY C 9 1.55 -21.38 28.88
N ASN C 10 1.96 -21.25 27.62
CA ASN C 10 2.44 -19.99 27.08
C ASN C 10 1.66 -19.63 25.83
N LEU C 11 1.40 -18.35 25.67
CA LEU C 11 0.77 -17.83 24.48
C LEU C 11 1.84 -17.13 23.65
N THR C 12 1.77 -17.28 22.33
CA THR C 12 2.72 -16.64 21.43
C THR C 12 2.06 -15.45 20.75
N VAL C 13 2.64 -14.26 20.93
CA VAL C 13 2.16 -13.03 20.28
C VAL C 13 3.06 -12.72 19.10
N LYS C 14 2.45 -12.51 17.93
CA LYS C 14 3.15 -12.32 16.67
C LYS C 14 2.80 -10.94 16.14
N MET C 15 3.81 -10.17 15.75
CA MET C 15 3.63 -8.83 15.22
C MET C 15 3.90 -8.80 13.72
N LEU C 16 3.37 -7.77 13.06
CA LEU C 16 3.68 -7.61 11.64
C LEU C 16 5.19 -7.48 11.49
N GLY C 17 5.77 -8.31 10.63
CA GLY C 17 7.19 -8.36 10.42
C GLY C 17 7.81 -9.65 10.89
N GLY C 18 7.19 -10.30 11.87
CA GLY C 18 7.63 -11.59 12.34
C GLY C 18 8.04 -11.62 13.79
N GLU C 19 8.29 -10.48 14.41
CA GLU C 19 8.74 -10.49 15.80
C GLU C 19 7.73 -11.20 16.68
N GLU C 20 8.22 -12.13 17.50
CA GLU C 20 7.32 -12.84 18.40
C GLU C 20 7.90 -12.91 19.81
N PHE C 21 6.99 -12.98 20.77
CA PHE C 21 7.35 -13.08 22.18
C PHE C 21 6.25 -13.83 22.89
N LEU C 22 6.59 -14.36 24.06
CA LEU C 22 5.70 -15.24 24.80
C LEU C 22 5.01 -14.48 25.92
N VAL C 23 3.75 -14.85 26.18
CA VAL C 23 2.99 -14.32 27.30
C VAL C 23 2.37 -15.51 28.00
N PRO C 24 2.63 -15.71 29.30
CA PRO C 24 2.03 -16.85 30.01
C PRO C 24 0.51 -16.78 29.95
N LEU C 25 -0.10 -17.95 29.79
CA LEU C 25 -1.53 -18.05 29.54
C LEU C 25 -2.22 -18.61 30.77
N ARG C 26 -3.22 -17.88 31.26
CA ARG C 26 -4.11 -18.38 32.29
C ARG C 26 -5.50 -18.54 31.70
N ASP C 27 -6.19 -19.60 32.10
CA ASP C 27 -7.44 -20.01 31.43
C ASP C 27 -8.44 -18.86 31.41
N SER C 28 -8.89 -18.43 32.58
CA SER C 28 -9.94 -17.41 32.72
C SER C 28 -9.44 -16.02 32.35
N MET C 29 -8.27 -15.93 31.72
CA MET C 29 -7.77 -14.63 31.32
C MET C 29 -8.71 -13.98 30.31
N LEU C 30 -9.09 -12.74 30.59
CA LEU C 30 -9.86 -11.94 29.64
C LEU C 30 -8.93 -11.35 28.59
N ALA C 31 -9.49 -11.06 27.42
CA ALA C 31 -8.69 -10.43 26.37
C ALA C 31 -8.29 -9.01 26.74
N SER C 32 -9.13 -8.30 27.50
CA SER C 32 -8.72 -7.00 28.00
C SER C 32 -7.48 -7.13 28.86
N GLU C 33 -7.39 -8.19 29.67
CA GLU C 33 -6.23 -8.41 30.51
C GLU C 33 -5.05 -9.01 29.75
N LEU C 34 -5.29 -9.65 28.61
CA LEU C 34 -4.18 -10.01 27.73
C LEU C 34 -3.48 -8.75 27.23
N LYS C 35 -4.23 -7.74 26.82
CA LYS C 35 -3.62 -6.51 26.37
C LYS C 35 -2.75 -5.89 27.46
N GLN C 36 -3.17 -6.01 28.72
CA GLN C 36 -2.38 -5.45 29.82
C GLN C 36 -1.04 -6.16 29.97
N GLN C 37 -1.01 -7.47 29.72
CA GLN C 37 0.26 -8.20 29.76
C GLN C 37 1.15 -7.81 28.58
N ILE C 38 0.58 -7.66 27.39
CA ILE C 38 1.34 -7.16 26.25
C ILE C 38 1.84 -5.75 26.51
N ALA C 39 1.02 -4.91 27.15
CA ALA C 39 1.46 -3.57 27.54
C ALA C 39 2.67 -3.64 28.47
N LEU C 40 2.62 -4.51 29.47
CA LEU C 40 3.74 -4.66 30.37
C LEU C 40 4.98 -5.13 29.61
N LYS C 41 4.81 -6.05 28.69
CA LYS C 41 5.96 -6.65 28.03
C LYS C 41 6.59 -5.70 27.01
N THR C 42 5.78 -4.91 26.31
CA THR C 42 6.27 -4.16 25.15
C THR C 42 6.25 -2.66 25.32
N GLY C 43 5.46 -2.13 26.26
CA GLY C 43 5.25 -0.70 26.36
C GLY C 43 4.23 -0.14 25.40
N VAL C 44 3.56 -0.98 24.61
CA VAL C 44 2.44 -0.58 23.76
C VAL C 44 1.17 -0.58 24.60
N PRO C 45 0.64 0.58 24.96
CA PRO C 45 -0.56 0.60 25.80
C PRO C 45 -1.73 -0.15 25.17
N ALA C 46 -2.58 -0.72 26.03
CA ALA C 46 -3.68 -1.55 25.54
C ALA C 46 -4.54 -0.80 24.53
N PHE C 47 -4.74 0.50 24.73
CA PHE C 47 -5.67 1.20 23.86
C PHE C 47 -5.19 1.27 22.42
N GLN C 48 -3.92 0.96 22.17
CA GLN C 48 -3.35 0.91 20.84
C GLN C 48 -3.36 -0.48 20.23
N GLN C 49 -3.75 -1.51 20.99
CA GLN C 49 -3.63 -2.89 20.54
C GLN C 49 -4.91 -3.40 19.89
N ARG C 50 -4.75 -4.07 18.76
CA ARG C 50 -5.80 -4.87 18.15
C ARG C 50 -5.29 -6.30 18.07
N LEU C 51 -6.04 -7.24 18.66
CA LEU C 51 -5.64 -8.64 18.73
C LEU C 51 -6.54 -9.49 17.86
N ALA C 52 -5.95 -10.54 17.29
CA ALA C 52 -6.69 -11.44 16.45
C ALA C 52 -6.07 -12.83 16.55
N THR C 53 -6.84 -13.85 16.15
CA THR C 53 -6.36 -15.22 16.23
C THR C 53 -5.57 -15.57 14.97
N HIS C 54 -4.87 -16.69 15.02
CA HIS C 54 -4.03 -17.16 13.94
C HIS C 54 -4.38 -18.62 13.66
N PRO C 55 -4.60 -19.01 12.40
CA PRO C 55 -4.47 -18.17 11.22
C PRO C 55 -5.78 -17.58 10.70
N ALA C 56 -6.88 -17.68 11.46
CA ALA C 56 -8.16 -17.16 10.97
C ALA C 56 -8.15 -15.64 10.88
N GLY C 57 -7.58 -14.95 11.87
CA GLY C 57 -7.57 -13.50 11.89
C GLY C 57 -8.80 -12.85 12.46
N THR C 58 -9.61 -13.57 13.25
CA THR C 58 -10.82 -13.00 13.85
C THR C 58 -10.48 -12.21 15.11
N VAL C 59 -11.11 -11.04 15.26
CA VAL C 59 -10.80 -10.18 16.39
C VAL C 59 -11.17 -10.85 17.71
N LEU C 60 -10.36 -10.60 18.73
CA LEU C 60 -10.69 -11.05 20.09
C LEU C 60 -11.65 -10.08 20.76
N GLN C 61 -12.57 -10.63 21.57
CA GLN C 61 -13.49 -9.84 22.37
C GLN C 61 -12.88 -9.57 23.74
N ASP C 62 -12.78 -8.28 24.10
CA ASP C 62 -12.10 -7.90 25.35
C ASP C 62 -12.78 -8.48 26.59
N GLY C 63 -14.05 -8.90 26.49
CA GLY C 63 -14.79 -9.36 27.64
C GLY C 63 -15.14 -10.84 27.68
N ILE C 64 -14.37 -11.69 27.01
CA ILE C 64 -14.61 -13.12 27.05
C ILE C 64 -13.30 -13.83 27.35
N SER C 65 -13.41 -14.98 28.04
CA SER C 65 -12.25 -15.77 28.42
C SER C 65 -11.44 -16.21 27.20
N LEU C 66 -10.12 -16.33 27.38
CA LEU C 66 -9.23 -16.76 26.30
C LEU C 66 -9.42 -18.23 25.96
N ILE C 67 -9.68 -19.07 26.96
CA ILE C 67 -9.94 -20.48 26.65
C ILE C 67 -11.27 -20.60 25.92
N ARG C 68 -12.23 -19.72 26.22
CA ARG C 68 -13.50 -19.74 25.52
C ARG C 68 -13.36 -19.29 24.07
N GLN C 69 -12.21 -18.73 23.70
CA GLN C 69 -11.96 -18.28 22.34
C GLN C 69 -10.95 -19.17 21.63
N GLY C 70 -10.83 -20.42 22.07
CA GLY C 70 -10.00 -21.40 21.38
C GLY C 70 -8.52 -21.29 21.61
N LEU C 71 -8.06 -20.43 22.51
CA LEU C 71 -6.64 -20.30 22.78
C LEU C 71 -6.23 -21.28 23.87
N CYS C 72 -5.11 -21.96 23.64
CA CYS C 72 -4.57 -22.93 24.58
C CYS C 72 -3.06 -22.87 24.45
N PRO C 73 -2.33 -23.58 25.31
CA PRO C 73 -0.86 -23.53 25.22
C PRO C 73 -0.36 -23.81 23.81
N GLY C 74 0.53 -22.94 23.32
CA GLY C 74 1.02 -23.01 21.96
C GLY C 74 0.25 -22.16 20.97
N SER C 75 -0.93 -21.67 21.34
CA SER C 75 -1.70 -20.85 20.41
C SER C 75 -0.94 -19.56 20.09
N THR C 76 -1.27 -18.99 18.93
CA THR C 76 -0.68 -17.75 18.46
C THR C 76 -1.76 -16.69 18.37
N VAL C 77 -1.45 -15.48 18.83
CA VAL C 77 -2.32 -14.34 18.59
C VAL C 77 -1.56 -13.29 17.79
N LEU C 78 -2.27 -12.63 16.89
CA LEU C 78 -1.68 -11.60 16.05
C LEU C 78 -1.91 -10.27 16.75
N LEU C 79 -0.84 -9.48 16.88
CA LEU C 79 -0.91 -8.15 17.46
C LEU C 79 -0.70 -7.14 16.34
N VAL C 80 -1.56 -6.14 16.29
CA VAL C 80 -1.46 -5.07 15.32
C VAL C 80 -1.63 -3.78 16.09
N VAL C 81 -0.70 -2.85 15.92
CA VAL C 81 -0.76 -1.59 16.63
C VAL C 81 -1.52 -0.53 15.82
N LYS C 82 -2.56 0.00 16.43
CA LYS C 82 -3.39 1.02 15.80
C LYS C 82 -3.21 2.36 16.49
N ASN C 83 -2.71 3.34 15.75
CA ASN C 83 -2.49 4.67 16.29
C ASN C 83 -3.48 5.64 15.68
N SER C 84 -4.09 6.47 16.52
CA SER C 84 -5.05 7.45 16.02
C SER C 84 -4.33 8.44 15.12
N ASN C 85 -3.13 8.84 15.54
CA ASN C 85 -2.29 9.79 14.81
C ASN C 85 -3.11 11.01 14.45
N ASP C 86 -3.81 11.55 15.44
CA ASP C 86 -4.68 12.69 15.21
C ASP C 86 -4.76 13.61 16.43
N PRO C 87 -4.20 14.82 16.38
CA PRO C 87 -4.37 15.74 17.51
C PRO C 87 -5.86 15.99 17.75
N LEU C 88 -6.21 16.23 19.00
CA LEU C 88 -7.59 16.57 19.34
C LEU C 88 -7.59 17.73 20.33
N SER C 89 -8.75 18.34 20.47
CA SER C 89 -8.97 19.45 21.37
C SER C 89 -9.77 18.95 22.56
N ILE C 90 -9.30 19.24 23.77
CA ILE C 90 -10.00 18.89 24.98
C ILE C 90 -10.06 20.14 25.87
N LEU C 91 -10.88 20.06 26.91
CA LEU C 91 -10.98 21.14 27.88
C LEU C 91 -10.46 20.67 29.22
N VAL C 92 -9.80 21.58 29.94
CA VAL C 92 -9.38 21.38 31.34
C VAL C 92 -10.01 22.50 32.17
N ARG C 93 -10.83 22.12 33.16
CA ARG C 93 -11.54 23.08 33.99
C ARG C 93 -10.81 23.26 35.32
N ASN C 94 -10.56 24.51 35.71
CA ASN C 94 -9.89 24.77 36.98
C ASN C 94 -10.93 24.79 38.12
N ASN C 95 -10.45 25.06 39.33
CA ASN C 95 -11.27 25.07 40.53
C ASN C 95 -12.15 26.30 40.67
N LYS C 96 -12.31 27.10 39.62
CA LYS C 96 -13.21 28.24 39.61
C LYS C 96 -14.25 28.13 38.50
N GLY C 97 -14.38 26.97 37.88
CA GLY C 97 -15.38 26.74 36.85
C GLY C 97 -15.01 27.21 35.47
N ARG C 98 -13.76 27.64 35.26
CA ARG C 98 -13.29 28.07 33.96
C ARG C 98 -12.60 26.92 33.25
N SER C 99 -12.90 26.74 31.96
CA SER C 99 -12.32 25.70 31.12
C SER C 99 -11.49 26.34 30.02
N ILE C 100 -10.24 25.89 29.89
CA ILE C 100 -9.32 26.30 28.83
C ILE C 100 -9.17 25.15 27.83
N ALA C 101 -9.03 25.49 26.55
CA ALA C 101 -8.84 24.50 25.49
C ALA C 101 -7.36 24.18 25.29
N TYR C 102 -7.07 22.89 25.10
CA TYR C 102 -5.72 22.38 24.88
C TYR C 102 -5.75 21.41 23.72
N GLU C 103 -4.69 21.43 22.93
CA GLU C 103 -4.52 20.46 21.86
C GLU C 103 -3.61 19.37 22.39
N VAL C 104 -4.03 18.11 22.22
CA VAL C 104 -3.29 16.97 22.75
C VAL C 104 -3.26 15.84 21.72
N TRP C 105 -2.35 14.91 21.95
CA TRP C 105 -2.33 13.63 21.26
C TRP C 105 -2.55 12.54 22.30
N LEU C 106 -3.28 11.48 21.92
CA LEU C 106 -3.57 10.39 22.85
C LEU C 106 -2.31 9.68 23.31
N THR C 107 -1.20 9.87 22.61
CA THR C 107 0.09 9.29 22.96
C THR C 107 0.93 10.20 23.86
N GLN C 108 0.43 11.39 24.19
CA GLN C 108 1.08 12.21 25.18
C GLN C 108 0.80 11.63 26.57
N THR C 109 1.69 11.91 27.51
CA THR C 109 1.45 11.47 28.87
C THR C 109 0.65 12.52 29.64
N VAL C 110 0.09 12.07 30.77
CA VAL C 110 -0.61 12.96 31.68
C VAL C 110 0.31 14.06 32.17
N ALA C 111 1.60 13.76 32.34
CA ALA C 111 2.57 14.77 32.76
C ALA C 111 2.69 15.90 31.73
N GLU C 112 2.73 15.56 30.42
CA GLU C 112 2.82 16.61 29.40
C GLU C 112 1.60 17.51 29.44
N LEU C 113 0.42 16.92 29.60
CA LEU C 113 -0.80 17.74 29.73
C LEU C 113 -0.72 18.60 30.97
N LYS C 114 -0.25 18.04 32.09
CA LYS C 114 -0.12 18.87 33.29
C LYS C 114 0.84 20.01 33.05
N GLN C 115 1.86 19.81 32.21
CA GLN C 115 2.80 20.89 31.89
C GLN C 115 2.11 22.01 31.14
N GLN C 116 1.21 21.69 30.19
CA GLN C 116 0.46 22.72 29.47
C GLN C 116 -0.47 23.48 30.42
N VAL C 117 -1.27 22.73 31.17
CA VAL C 117 -2.20 23.32 32.15
C VAL C 117 -1.42 24.15 33.16
N CYS C 118 -0.26 23.65 33.59
CA CYS C 118 0.62 24.41 34.49
C CYS C 118 0.95 25.78 33.90
N GLN C 119 1.33 25.83 32.62
CA GLN C 119 1.75 27.10 32.02
C GLN C 119 0.59 28.06 31.82
N GLN C 120 -0.64 27.56 31.67
CA GLN C 120 -1.79 28.42 31.44
C GLN C 120 -2.47 28.91 32.72
N GLU C 121 -2.45 28.10 33.80
CA GLU C 121 -3.11 28.45 35.05
C GLU C 121 -2.17 29.00 36.12
N HIS C 122 -0.85 28.95 35.90
CA HIS C 122 0.16 29.42 36.86
C HIS C 122 0.02 28.77 38.23
N VAL C 123 -0.09 27.45 38.21
CA VAL C 123 -0.03 26.59 39.39
C VAL C 123 1.06 25.57 39.13
N GLN C 124 1.96 25.37 40.11
CA GLN C 124 2.97 24.33 40.00
C GLN C 124 2.32 22.97 39.75
N ALA C 125 2.94 22.16 38.89
CA ALA C 125 2.37 20.86 38.54
C ALA C 125 2.22 19.93 39.73
N ASP C 126 3.00 20.14 40.79
CA ASP C 126 2.91 19.32 41.99
C ASP C 126 1.76 19.75 42.90
N LEU C 127 1.11 20.88 42.61
CA LEU C 127 0.03 21.34 43.46
C LEU C 127 -1.34 20.88 42.99
N PHE C 128 -1.43 20.05 41.96
CA PHE C 128 -2.74 19.59 41.53
C PHE C 128 -2.64 18.21 40.89
N TRP C 129 -3.81 17.59 40.70
CA TRP C 129 -3.90 16.39 39.88
C TRP C 129 -5.13 16.48 38.99
N LEU C 130 -5.11 15.69 37.91
CA LEU C 130 -6.16 15.70 36.90
C LEU C 130 -7.07 14.48 37.03
N THR C 131 -8.33 14.66 36.66
CA THR C 131 -9.30 13.59 36.65
C THR C 131 -10.15 13.66 35.39
N PHE C 132 -10.51 12.48 34.87
CA PHE C 132 -11.46 12.35 33.78
C PHE C 132 -12.49 11.33 34.24
N GLU C 133 -13.77 11.76 34.27
CA GLU C 133 -14.89 10.93 34.70
C GLU C 133 -14.65 10.31 36.08
N GLY C 134 -14.32 11.18 37.04
CA GLY C 134 -14.01 10.78 38.40
C GLY C 134 -12.72 10.01 38.59
N LYS C 135 -12.07 9.58 37.52
CA LYS C 135 -10.89 8.72 37.63
C LYS C 135 -9.62 9.56 37.64
N PRO C 136 -8.74 9.39 38.63
CA PRO C 136 -7.48 10.15 38.65
C PRO C 136 -6.54 9.68 37.53
N MET C 137 -5.81 10.64 36.97
CA MET C 137 -4.92 10.39 35.84
C MET C 137 -3.49 10.39 36.33
N GLU C 138 -2.72 9.40 35.92
CA GLU C 138 -1.37 9.23 36.45
C GLU C 138 -0.31 9.70 35.47
N ASP C 139 0.72 10.37 36.01
CA ASP C 139 1.68 11.13 35.23
C ASP C 139 2.29 10.32 34.08
N LYS C 140 2.68 9.08 34.34
CA LYS C 140 3.39 8.24 33.37
C LYS C 140 2.47 7.71 32.30
N HIS C 141 1.17 7.68 32.55
CA HIS C 141 0.23 7.08 31.63
C HIS C 141 -0.02 7.99 30.44
N GLN C 142 -0.46 7.39 29.34
CA GLN C 142 -0.80 8.16 28.15
C GLN C 142 -2.28 8.50 28.19
N LEU C 143 -2.62 9.64 27.57
CA LEU C 143 -3.96 10.18 27.66
C LEU C 143 -5.00 9.23 27.08
N GLY C 144 -4.60 8.44 26.07
CA GLY C 144 -5.48 7.43 25.50
C GLY C 144 -5.95 6.36 26.46
N GLU C 145 -5.22 6.15 27.56
CA GLU C 145 -5.62 5.16 28.53
C GLU C 145 -6.85 5.55 29.33
N TYR C 146 -7.28 6.80 29.21
CA TYR C 146 -8.47 7.24 29.91
C TYR C 146 -9.64 7.53 28.96
N GLY C 147 -9.49 7.15 27.70
CA GLY C 147 -10.52 7.33 26.70
C GLY C 147 -10.96 8.76 26.45
N LEU C 148 -10.01 9.68 26.42
CA LEU C 148 -10.33 11.08 26.18
C LEU C 148 -10.95 11.25 24.79
N THR C 149 -12.01 12.05 24.73
CA THR C 149 -12.70 12.31 23.48
C THR C 149 -12.70 13.80 23.16
N PRO C 150 -12.90 14.14 21.90
CA PRO C 150 -12.91 15.54 21.48
C PRO C 150 -13.85 16.39 22.32
N GLN C 151 -13.35 17.53 22.77
CA GLN C 151 -14.11 18.46 23.64
C GLN C 151 -14.63 17.81 24.91
N CYS C 152 -14.00 16.74 25.39
CA CYS C 152 -14.38 16.28 26.71
C CYS C 152 -13.76 17.22 27.75
N THR C 153 -14.08 17.03 29.01
CA THR C 153 -13.64 17.94 30.06
C THR C 153 -12.88 17.16 31.10
N VAL C 154 -11.61 17.47 31.23
CA VAL C 154 -10.72 17.03 32.29
C VAL C 154 -10.79 18.03 33.43
N PHE C 155 -10.76 17.53 34.66
CA PHE C 155 -10.89 18.36 35.85
C PHE C 155 -9.57 18.46 36.59
N MET C 156 -9.33 19.65 37.14
CA MET C 156 -8.13 19.99 37.87
C MET C 156 -8.48 20.02 39.37
N ASN C 157 -7.69 19.31 40.19
CA ASN C 157 -7.95 19.19 41.62
C ASN C 157 -6.75 19.67 42.41
N LEU C 158 -6.95 20.53 43.39
CA LEU C 158 -5.85 21.15 44.11
C LEU C 158 -5.45 20.33 45.33
N ARG C 159 -4.16 20.06 45.45
CA ARG C 159 -3.63 19.47 46.66
C ARG C 159 -3.44 20.56 47.70
N LEU C 160 -3.88 20.30 48.94
CA LEU C 160 -3.69 21.25 50.02
C LEU C 160 -2.34 20.98 50.67
N ARG C 161 -1.31 21.23 49.87
CA ARG C 161 0.06 20.98 50.30
C ARG C 161 0.96 22.17 49.99
N GLY D 9 -22.60 10.93 -28.58
CA GLY D 9 -22.36 10.19 -27.36
C GLY D 9 -20.89 9.91 -27.06
N ASN D 10 -20.46 10.27 -25.86
CA ASN D 10 -19.07 10.12 -25.46
C ASN D 10 -18.96 9.30 -24.17
N LEU D 11 -17.92 8.49 -24.10
CA LEU D 11 -17.61 7.78 -22.87
C LEU D 11 -16.44 8.50 -22.24
N THR D 12 -16.43 8.62 -20.91
CA THR D 12 -15.33 9.25 -20.20
C THR D 12 -14.48 8.16 -19.55
N VAL D 13 -13.19 8.12 -19.91
CA VAL D 13 -12.25 7.16 -19.34
C VAL D 13 -11.37 7.85 -18.33
N LYS D 14 -11.27 7.26 -17.15
CA LYS D 14 -10.62 7.84 -15.99
C LYS D 14 -9.52 6.90 -15.52
N MET D 15 -8.33 7.45 -15.30
CA MET D 15 -7.19 6.68 -14.82
C MET D 15 -6.85 7.01 -13.37
N LEU D 16 -6.08 6.13 -12.75
CA LEU D 16 -5.71 6.35 -11.37
C LEU D 16 -4.89 7.63 -11.27
N GLY D 17 -5.33 8.56 -10.41
CA GLY D 17 -4.70 9.85 -10.29
C GLY D 17 -5.60 10.97 -10.76
N GLY D 18 -6.54 10.69 -11.66
CA GLY D 18 -7.53 11.65 -12.09
C GLY D 18 -7.53 11.96 -13.57
N GLU D 19 -6.47 11.60 -14.30
CA GLU D 19 -6.43 11.89 -15.73
C GLU D 19 -7.63 11.24 -16.43
N GLU D 20 -8.34 12.02 -17.23
CA GLU D 20 -9.50 11.54 -17.96
C GLU D 20 -9.48 12.00 -19.41
N PHE D 21 -10.12 11.20 -20.26
CA PHE D 21 -10.23 11.52 -21.68
C PHE D 21 -11.50 10.86 -22.22
N LEU D 22 -11.92 11.32 -23.38
CA LEU D 22 -13.18 10.95 -23.97
C LEU D 22 -13.00 9.87 -25.03
N VAL D 23 -13.95 8.95 -25.13
CA VAL D 23 -13.95 7.99 -26.24
C VAL D 23 -15.36 7.95 -26.82
N PRO D 24 -15.53 8.18 -28.13
CA PRO D 24 -16.87 8.11 -28.73
C PRO D 24 -17.49 6.75 -28.51
N LEU D 25 -18.79 6.76 -28.20
CA LEU D 25 -19.50 5.56 -27.80
C LEU D 25 -20.45 5.13 -28.90
N ARG D 26 -20.34 3.88 -29.32
CA ARG D 26 -21.27 3.25 -30.25
C ARG D 26 -22.07 2.20 -29.49
N ASP D 27 -23.35 2.07 -29.83
CA ASP D 27 -24.24 1.21 -29.05
C ASP D 27 -23.69 -0.20 -28.97
N SER D 28 -23.59 -0.87 -30.13
CA SER D 28 -23.14 -2.25 -30.31
C SER D 28 -21.64 -2.42 -30.13
N MET D 29 -20.94 -1.42 -29.60
CA MET D 29 -19.52 -1.53 -29.36
C MET D 29 -19.25 -2.59 -28.30
N LEU D 30 -18.36 -3.53 -28.60
CA LEU D 30 -17.93 -4.53 -27.62
C LEU D 30 -16.87 -3.95 -26.69
N ALA D 31 -16.76 -4.50 -25.47
CA ALA D 31 -15.75 -3.98 -24.55
C ALA D 31 -14.34 -4.23 -25.05
N SER D 32 -14.12 -5.35 -25.77
CA SER D 32 -12.84 -5.57 -26.41
C SER D 32 -12.52 -4.43 -27.38
N GLU D 33 -13.53 -3.94 -28.07
CA GLU D 33 -13.31 -2.85 -29.03
C GLU D 33 -13.12 -1.51 -28.33
N LEU D 34 -13.67 -1.35 -27.12
CA LEU D 34 -13.32 -0.21 -26.30
C LEU D 34 -11.82 -0.20 -26.00
N LYS D 35 -11.28 -1.34 -25.59
CA LYS D 35 -9.84 -1.41 -25.32
C LYS D 35 -9.01 -1.02 -26.54
N GLN D 36 -9.46 -1.38 -27.75
CA GLN D 36 -8.73 -1.01 -28.95
C GLN D 36 -8.78 0.49 -29.20
N GLN D 37 -9.88 1.14 -28.83
CA GLN D 37 -9.97 2.60 -28.95
C GLN D 37 -9.08 3.28 -27.94
N ILE D 38 -9.09 2.80 -26.70
CA ILE D 38 -8.15 3.33 -25.70
C ILE D 38 -6.70 3.08 -26.12
N ALA D 39 -6.44 1.94 -26.72
CA ALA D 39 -5.10 1.63 -27.16
C ALA D 39 -4.65 2.64 -28.20
N LEU D 40 -5.54 2.92 -29.15
CA LEU D 40 -5.28 3.86 -30.22
C LEU D 40 -5.09 5.27 -29.71
N LYS D 41 -5.91 5.66 -28.74
CA LYS D 41 -5.88 7.01 -28.20
C LYS D 41 -4.80 7.29 -27.16
N THR D 42 -4.36 6.26 -26.45
CA THR D 42 -3.37 6.46 -25.40
C THR D 42 -2.07 5.69 -25.61
N GLY D 43 -2.07 4.63 -26.42
CA GLY D 43 -0.91 3.79 -26.52
C GLY D 43 -0.76 2.75 -25.43
N VAL D 44 -1.73 2.62 -24.53
CA VAL D 44 -1.78 1.52 -23.56
C VAL D 44 -2.29 0.31 -24.32
N PRO D 45 -1.47 -0.72 -24.54
CA PRO D 45 -1.93 -1.87 -25.32
C PRO D 45 -3.16 -2.50 -24.70
N ALA D 46 -4.05 -3.00 -25.56
CA ALA D 46 -5.32 -3.53 -25.08
C ALA D 46 -5.13 -4.64 -24.06
N PHE D 47 -4.16 -5.53 -24.27
CA PHE D 47 -4.07 -6.64 -23.35
C PHE D 47 -3.56 -6.23 -21.98
N GLN D 48 -3.08 -4.98 -21.84
CA GLN D 48 -2.67 -4.46 -20.53
C GLN D 48 -3.80 -3.72 -19.79
N GLN D 49 -4.97 -3.56 -20.42
CA GLN D 49 -6.06 -2.74 -19.87
C GLN D 49 -7.02 -3.58 -19.04
N ARG D 50 -7.37 -3.09 -17.87
CA ARG D 50 -8.48 -3.62 -17.10
C ARG D 50 -9.51 -2.51 -16.93
N LEU D 51 -10.73 -2.79 -17.34
CA LEU D 51 -11.80 -1.81 -17.38
C LEU D 51 -12.89 -2.21 -16.41
N ALA D 52 -13.48 -1.19 -15.78
CA ALA D 52 -14.55 -1.37 -14.83
C ALA D 52 -15.42 -0.12 -14.89
N THR D 53 -16.65 -0.23 -14.38
CA THR D 53 -17.62 0.86 -14.35
C THR D 53 -17.50 1.69 -13.06
N HIS D 54 -18.18 2.83 -13.08
CA HIS D 54 -18.12 3.82 -12.01
C HIS D 54 -19.56 4.14 -11.61
N PRO D 55 -19.87 4.20 -10.30
CA PRO D 55 -18.95 4.03 -9.18
C PRO D 55 -18.93 2.62 -8.57
N ALA D 56 -19.56 1.64 -9.21
CA ALA D 56 -19.59 0.30 -8.65
C ALA D 56 -18.22 -0.38 -8.72
N GLY D 57 -17.50 -0.19 -9.81
CA GLY D 57 -16.26 -0.91 -9.96
C GLY D 57 -16.46 -2.30 -10.53
N THR D 58 -17.58 -2.55 -11.22
CA THR D 58 -17.82 -3.86 -11.80
C THR D 58 -17.08 -3.96 -13.13
N VAL D 59 -16.36 -5.08 -13.30
CA VAL D 59 -15.53 -5.27 -14.48
C VAL D 59 -16.40 -5.37 -15.73
N LEU D 60 -15.86 -4.88 -16.84
CA LEU D 60 -16.54 -5.02 -18.12
C LEU D 60 -16.33 -6.41 -18.70
N GLN D 61 -17.39 -6.96 -19.31
CA GLN D 61 -17.33 -8.22 -20.04
C GLN D 61 -16.94 -7.92 -21.49
N ASP D 62 -15.83 -8.53 -21.95
CA ASP D 62 -15.26 -8.19 -23.26
C ASP D 62 -16.16 -8.54 -24.43
N GLY D 63 -17.09 -9.48 -24.29
CA GLY D 63 -17.84 -9.93 -25.45
C GLY D 63 -19.29 -9.53 -25.42
N ILE D 64 -19.59 -8.46 -24.69
CA ILE D 64 -20.96 -7.96 -24.58
C ILE D 64 -20.95 -6.48 -24.91
N SER D 65 -22.04 -6.03 -25.51
CA SER D 65 -22.17 -4.63 -25.88
C SER D 65 -22.08 -3.72 -24.65
N LEU D 66 -21.53 -2.51 -24.87
CA LEU D 66 -21.43 -1.57 -23.77
C LEU D 66 -22.80 -1.04 -23.35
N ILE D 67 -23.72 -0.88 -24.30
CA ILE D 67 -25.06 -0.42 -23.95
C ILE D 67 -25.79 -1.50 -23.15
N ARG D 68 -25.49 -2.77 -23.42
CA ARG D 68 -26.05 -3.90 -22.68
C ARG D 68 -25.46 -4.03 -21.28
N GLN D 69 -24.42 -3.29 -20.94
CA GLN D 69 -23.78 -3.31 -19.63
C GLN D 69 -24.01 -2.01 -18.86
N GLY D 70 -25.06 -1.26 -19.18
CA GLY D 70 -25.44 -0.04 -18.47
C GLY D 70 -24.68 1.22 -18.85
N LEU D 71 -23.82 1.18 -19.86
CA LEU D 71 -23.09 2.37 -20.30
C LEU D 71 -23.89 3.14 -21.35
N CYS D 72 -23.93 4.45 -21.18
CA CYS D 72 -24.58 5.34 -22.14
C CYS D 72 -23.81 6.65 -22.15
N PRO D 73 -24.12 7.56 -23.07
CA PRO D 73 -23.36 8.81 -23.14
C PRO D 73 -23.27 9.51 -21.79
N GLY D 74 -22.06 9.89 -21.43
CA GLY D 74 -21.76 10.45 -20.14
C GLY D 74 -21.26 9.46 -19.11
N SER D 75 -21.40 8.16 -19.36
CA SER D 75 -20.91 7.19 -18.39
C SER D 75 -19.39 7.28 -18.26
N THR D 76 -18.91 6.83 -17.12
CA THR D 76 -17.51 6.81 -16.80
C THR D 76 -17.05 5.36 -16.77
N VAL D 77 -15.86 5.09 -17.33
CA VAL D 77 -15.21 3.81 -17.14
C VAL D 77 -13.86 4.04 -16.47
N LEU D 78 -13.51 3.15 -15.56
CA LEU D 78 -12.24 3.20 -14.85
C LEU D 78 -11.26 2.29 -15.57
N LEU D 79 -10.05 2.80 -15.82
CA LEU D 79 -8.97 2.05 -16.46
C LEU D 79 -7.83 1.84 -15.45
N VAL D 80 -7.43 0.59 -15.30
CA VAL D 80 -6.26 0.25 -14.49
C VAL D 80 -5.33 -0.48 -15.44
N VAL D 81 -4.04 -0.18 -15.38
CA VAL D 81 -3.08 -0.81 -16.26
C VAL D 81 -2.32 -1.92 -15.57
N LYS D 82 -2.33 -3.10 -16.18
CA LYS D 82 -1.64 -4.26 -15.65
C LYS D 82 -0.46 -4.57 -16.55
N ASN D 83 0.72 -4.70 -15.96
CA ASN D 83 1.91 -4.99 -16.74
C ASN D 83 2.56 -6.29 -16.31
N SER D 84 2.62 -7.25 -17.22
CA SER D 84 3.23 -8.55 -16.93
C SER D 84 4.71 -8.39 -16.64
N ASN D 85 5.48 -8.07 -17.69
CA ASN D 85 6.93 -7.88 -17.57
C ASN D 85 7.62 -9.00 -16.82
N ASP D 86 7.07 -10.21 -16.91
CA ASP D 86 7.65 -11.36 -16.21
C ASP D 86 8.41 -12.13 -17.26
N PRO D 87 9.74 -12.05 -17.26
CA PRO D 87 10.52 -12.76 -18.29
C PRO D 87 10.25 -14.24 -18.30
N LEU D 88 10.23 -14.82 -19.50
CA LEU D 88 10.11 -16.26 -19.66
C LEU D 88 10.99 -16.68 -20.83
N SER D 89 11.22 -17.99 -20.92
CA SER D 89 12.02 -18.58 -21.96
C SER D 89 11.09 -19.26 -22.95
N ILE D 90 11.28 -18.97 -24.24
CA ILE D 90 10.54 -19.59 -25.33
C ILE D 90 11.55 -20.08 -26.35
N LEU D 91 11.08 -20.88 -27.31
CA LEU D 91 11.91 -21.34 -28.41
C LEU D 91 11.36 -20.78 -29.71
N VAL D 92 12.25 -20.46 -30.66
CA VAL D 92 11.86 -20.12 -32.02
C VAL D 92 12.52 -21.11 -32.96
N ARG D 93 11.71 -21.84 -33.73
CA ARG D 93 12.20 -22.87 -34.64
C ARG D 93 12.29 -22.32 -36.07
N ASN D 94 13.45 -22.50 -36.71
CA ASN D 94 13.63 -22.03 -38.06
C ASN D 94 13.15 -23.09 -39.04
N ASN D 95 13.25 -22.79 -40.34
CA ASN D 95 12.76 -23.69 -41.36
C ASN D 95 13.65 -24.90 -41.58
N LYS D 96 14.60 -25.16 -40.69
CA LYS D 96 15.44 -26.35 -40.75
C LYS D 96 15.29 -27.20 -39.50
N GLY D 97 14.30 -26.92 -38.66
CA GLY D 97 14.06 -27.74 -37.49
C GLY D 97 14.94 -27.45 -36.30
N ARG D 98 15.76 -26.40 -36.36
CA ARG D 98 16.63 -25.99 -35.24
C ARG D 98 15.92 -24.90 -34.42
N SER D 99 15.94 -25.06 -33.10
CA SER D 99 15.29 -24.16 -32.16
C SER D 99 16.30 -23.46 -31.27
N ILE D 100 16.27 -22.12 -31.23
CA ILE D 100 17.11 -21.33 -30.33
C ILE D 100 16.22 -20.78 -29.21
N ALA D 101 16.78 -20.71 -27.99
CA ALA D 101 16.04 -20.17 -26.86
C ALA D 101 16.16 -18.65 -26.81
N TYR D 102 15.06 -18.01 -26.46
CA TYR D 102 15.00 -16.57 -26.31
C TYR D 102 14.28 -16.27 -25.02
N GLU D 103 14.71 -15.22 -24.35
CA GLU D 103 14.01 -14.72 -23.19
C GLU D 103 13.19 -13.50 -23.63
N VAL D 104 11.92 -13.49 -23.25
CA VAL D 104 10.98 -12.41 -23.57
C VAL D 104 10.07 -12.19 -22.38
N TRP D 105 9.38 -11.04 -22.37
CA TRP D 105 8.22 -10.85 -21.51
C TRP D 105 6.98 -10.59 -22.37
N LEU D 106 5.82 -10.97 -21.82
CA LEU D 106 4.55 -10.85 -22.54
C LEU D 106 4.21 -9.44 -22.96
N THR D 107 4.89 -8.42 -22.42
CA THR D 107 4.66 -7.04 -22.83
C THR D 107 5.59 -6.59 -23.94
N GLN D 108 6.47 -7.47 -24.42
CA GLN D 108 7.27 -7.14 -25.59
C GLN D 108 6.44 -7.30 -26.85
N THR D 109 6.83 -6.61 -27.92
CA THR D 109 6.13 -6.72 -29.19
C THR D 109 6.67 -7.87 -30.03
N VAL D 110 5.89 -8.25 -31.05
CA VAL D 110 6.35 -9.19 -32.04
C VAL D 110 7.56 -8.61 -32.76
N ALA D 111 7.58 -7.29 -32.95
CA ALA D 111 8.71 -6.67 -33.64
C ALA D 111 10.02 -6.85 -32.87
N GLU D 112 9.97 -6.70 -31.53
CA GLU D 112 11.18 -6.91 -30.75
C GLU D 112 11.67 -8.35 -30.86
N LEU D 113 10.75 -9.31 -30.86
CA LEU D 113 11.13 -10.72 -30.98
C LEU D 113 11.79 -11.01 -32.32
N LYS D 114 11.25 -10.44 -33.41
CA LYS D 114 11.86 -10.65 -34.71
C LYS D 114 13.25 -10.07 -34.77
N GLN D 115 13.50 -8.99 -34.01
CA GLN D 115 14.85 -8.43 -33.96
C GLN D 115 15.83 -9.41 -33.35
N GLN D 116 15.42 -10.14 -32.32
CA GLN D 116 16.31 -11.15 -31.74
C GLN D 116 16.57 -12.29 -32.72
N VAL D 117 15.50 -12.88 -33.28
CA VAL D 117 15.67 -13.97 -34.26
C VAL D 117 16.50 -13.50 -35.44
N CYS D 118 16.27 -12.27 -35.88
CA CYS D 118 17.04 -11.67 -36.97
C CYS D 118 18.54 -11.82 -36.75
N GLN D 119 19.01 -11.51 -35.54
CA GLN D 119 20.44 -11.55 -35.28
C GLN D 119 20.97 -12.97 -35.17
N GLN D 120 20.13 -13.94 -34.79
CA GLN D 120 20.63 -15.31 -34.62
C GLN D 120 20.56 -16.14 -35.89
N GLU D 121 19.58 -15.88 -36.75
CA GLU D 121 19.41 -16.65 -37.98
C GLU D 121 20.00 -15.94 -39.19
N HIS D 122 20.45 -14.70 -39.02
CA HIS D 122 21.07 -13.90 -40.08
C HIS D 122 20.16 -13.82 -41.31
N VAL D 123 18.89 -13.56 -41.05
CA VAL D 123 17.87 -13.32 -42.07
C VAL D 123 17.24 -11.98 -41.76
N GLN D 124 17.10 -11.14 -42.78
CA GLN D 124 16.43 -9.86 -42.58
C GLN D 124 15.02 -10.06 -42.04
N ALA D 125 14.63 -9.18 -41.10
CA ALA D 125 13.32 -9.30 -40.46
C ALA D 125 12.18 -9.22 -41.47
N ASP D 126 12.41 -8.63 -42.65
CA ASP D 126 11.39 -8.54 -43.68
C ASP D 126 11.30 -9.79 -44.54
N LEU D 127 12.24 -10.73 -44.45
CA LEU D 127 12.16 -11.97 -45.24
C LEU D 127 11.48 -13.11 -44.49
N PHE D 128 10.97 -12.86 -43.28
CA PHE D 128 10.26 -13.91 -42.58
C PHE D 128 9.15 -13.33 -41.74
N TRP D 129 8.24 -14.21 -41.34
CA TRP D 129 7.23 -13.83 -40.37
C TRP D 129 7.10 -14.98 -39.39
N LEU D 130 6.55 -14.66 -38.22
CA LEU D 130 6.41 -15.59 -37.11
C LEU D 130 4.95 -16.04 -36.97
N THR D 131 4.77 -17.26 -36.50
CA THR D 131 3.47 -17.85 -36.20
C THR D 131 3.54 -18.58 -34.87
N PHE D 132 2.45 -18.54 -34.11
CA PHE D 132 2.29 -19.35 -32.90
C PHE D 132 0.93 -20.01 -33.02
N GLU D 133 0.91 -21.33 -32.89
CA GLU D 133 -0.31 -22.12 -33.01
C GLU D 133 -1.05 -21.77 -34.30
N GLY D 134 -0.31 -21.80 -35.41
CA GLY D 134 -0.82 -21.48 -36.72
C GLY D 134 -1.21 -20.03 -36.95
N LYS D 135 -1.29 -19.20 -35.89
CA LYS D 135 -1.75 -17.84 -36.14
C LYS D 135 -0.55 -16.93 -36.37
N PRO D 136 -0.53 -16.20 -37.49
CA PRO D 136 0.61 -15.30 -37.77
C PRO D 136 0.63 -14.15 -36.78
N MET D 137 1.84 -13.73 -36.44
CA MET D 137 2.05 -12.70 -35.43
C MET D 137 2.41 -11.39 -36.11
N GLU D 138 1.77 -10.30 -35.68
CA GLU D 138 1.89 -9.00 -36.32
C GLU D 138 2.85 -8.13 -35.52
N ASP D 139 3.70 -7.39 -36.23
CA ASP D 139 4.83 -6.70 -35.62
C ASP D 139 4.43 -5.82 -34.45
N LYS D 140 3.37 -5.02 -34.62
CA LYS D 140 3.01 -4.03 -33.62
C LYS D 140 2.38 -4.66 -32.38
N HIS D 141 1.87 -5.88 -32.49
CA HIS D 141 1.19 -6.48 -31.36
C HIS D 141 2.18 -6.96 -30.31
N GLN D 142 1.69 -7.12 -29.09
CA GLN D 142 2.54 -7.64 -28.02
C GLN D 142 2.32 -9.13 -27.80
N LEU D 143 3.39 -9.79 -27.36
CA LEU D 143 3.43 -11.25 -27.34
C LEU D 143 2.33 -11.84 -26.47
N GLY D 144 1.92 -11.13 -25.43
CA GLY D 144 0.81 -11.59 -24.60
C GLY D 144 -0.49 -11.75 -25.37
N GLU D 145 -0.65 -11.05 -26.49
CA GLU D 145 -1.89 -11.17 -27.26
C GLU D 145 -2.02 -12.52 -27.93
N TYR D 146 -0.94 -13.30 -27.97
CA TYR D 146 -0.95 -14.64 -28.53
C TYR D 146 -0.80 -15.73 -27.47
N GLY D 147 -0.68 -15.35 -26.20
CA GLY D 147 -0.72 -16.33 -25.14
C GLY D 147 0.48 -17.24 -25.06
N LEU D 148 1.69 -16.69 -25.24
CA LEU D 148 2.90 -17.50 -25.15
C LEU D 148 3.09 -17.95 -23.71
N THR D 149 3.26 -19.32 -23.52
CA THR D 149 3.58 -20.09 -22.31
C THR D 149 5.07 -20.42 -22.28
N PRO D 150 5.66 -20.58 -21.09
CA PRO D 150 7.08 -20.96 -21.02
C PRO D 150 7.38 -22.21 -21.84
N GLN D 151 8.53 -22.18 -22.51
CA GLN D 151 9.02 -23.23 -23.38
C GLN D 151 8.07 -23.59 -24.51
N CYS D 152 7.18 -22.70 -24.90
CA CYS D 152 6.42 -22.97 -26.12
C CYS D 152 7.33 -22.70 -27.32
N THR D 153 6.83 -23.01 -28.51
CA THR D 153 7.60 -22.93 -29.75
C THR D 153 6.88 -22.03 -30.73
N VAL D 154 7.52 -20.92 -31.09
CA VAL D 154 7.12 -20.02 -32.17
C VAL D 154 7.84 -20.45 -33.45
N PHE D 155 7.14 -20.42 -34.58
CA PHE D 155 7.70 -20.89 -35.84
C PHE D 155 8.03 -19.74 -36.77
N MET D 156 9.16 -19.89 -37.44
CA MET D 156 9.71 -18.89 -38.34
C MET D 156 9.35 -19.34 -39.76
N ASN D 157 8.75 -18.45 -40.53
CA ASN D 157 8.31 -18.80 -41.89
C ASN D 157 8.98 -17.84 -42.87
N LEU D 158 9.60 -18.40 -43.91
CA LEU D 158 10.35 -17.60 -44.87
C LEU D 158 9.48 -17.10 -46.01
N ARG D 159 9.57 -15.79 -46.29
CA ARG D 159 8.96 -15.21 -47.47
C ARG D 159 9.84 -15.45 -48.69
N LEU D 160 9.21 -15.54 -49.86
CA LEU D 160 9.98 -15.49 -51.09
C LEU D 160 10.69 -14.14 -51.23
N ARG D 161 10.01 -13.05 -50.90
CA ARG D 161 10.50 -11.69 -51.10
C ARG D 161 9.82 -10.77 -50.13
#